data_7FF8
#
_entry.id   7FF8
#
_cell.length_a   140.264
_cell.length_b   49.928
_cell.length_c   62.381
_cell.angle_alpha   90.000
_cell.angle_beta   100.145
_cell.angle_gamma   90.000
#
_symmetry.space_group_name_H-M   'C 1 2 1'
#
loop_
_entity.id
_entity.type
_entity.pdbx_description
1 polymer 'cAMP-activated global transcriptional regulator Vfr'
2 non-polymer "ADENOSINE-3',5'-CYCLIC-MONOPHOSPHATE"
3 non-polymer triethylphosphanuidylgold(1+)
4 non-polymer 'GOLD ION'
5 non-polymer 'CHLORIDE ION'
6 non-polymer 'SULFATE ION'
#
_entity_poly.entity_id   1
_entity_poly.type   'polypeptide(L)'
_entity_poly.pdbx_seq_one_letter_code
;THTPKLKHLDKLLAHCHRRRYTAKSTIIYAGDRCETLFFIIKGSVTILIEDDDGREMIIGYLNSGDFFGELGLFEKEGSE
EERSAWVRAKVECEVAEISYAKFRELSQQDSEILYTLGSQMADRLRKTTRKVGDLAFLDVTGRVARTLLDLCQQPDAMTH
PDGMQIKITRQEIGRIVGCSREMVGRVLKSLEEQGLVHVKGKTMVVFGTR
;
_entity_poly.pdbx_strand_id   A,B
#
loop_
_chem_comp.id
_chem_comp.type
_chem_comp.name
_chem_comp.formula
AU non-polymer 'GOLD ION' 'Au 1'
AUF non-polymer triethylphosphanuidylgold(1+) 'C6 H15 Au P'
CL non-polymer 'CHLORIDE ION' 'Cl -1'
CMP non-polymer ADENOSINE-3',5'-CYCLIC-MONOPHOSPHATE 'C10 H12 N5 O6 P'
SO4 non-polymer 'SULFATE ION' 'O4 S -2'
#
# COMPACT_ATOMS: atom_id res chain seq x y z
N LYS A 5 8.39 -20.37 3.03
CA LYS A 5 8.87 -21.67 3.51
C LYS A 5 8.95 -22.67 2.36
N LEU A 6 8.25 -23.80 2.53
CA LEU A 6 8.14 -24.83 1.52
C LEU A 6 9.49 -25.45 1.18
N LYS A 7 9.52 -26.30 0.16
CA LYS A 7 10.74 -26.93 -0.30
C LYS A 7 11.45 -26.13 -1.39
N HIS A 8 10.95 -24.93 -1.71
CA HIS A 8 11.58 -24.09 -2.72
C HIS A 8 12.86 -23.44 -2.21
N LEU A 9 13.02 -23.32 -0.89
CA LEU A 9 14.21 -22.69 -0.34
C LEU A 9 15.45 -23.52 -0.59
N ASP A 10 15.35 -24.84 -0.43
CA ASP A 10 16.51 -25.71 -0.63
C ASP A 10 17.04 -25.59 -2.05
N LYS A 11 16.16 -25.47 -3.04
CA LYS A 11 16.60 -25.26 -4.41
C LYS A 11 17.05 -23.83 -4.64
N LEU A 12 16.47 -22.86 -3.93
CA LEU A 12 16.81 -21.46 -4.13
C LEU A 12 18.13 -21.11 -3.46
N LEU A 13 18.21 -21.28 -2.14
CA LEU A 13 19.40 -20.88 -1.40
C LEU A 13 20.43 -22.00 -1.36
N ALA A 14 20.47 -22.83 -2.41
CA ALA A 14 21.46 -23.90 -2.47
C ALA A 14 22.88 -23.36 -2.49
N HIS A 15 23.08 -22.22 -3.18
CA HIS A 15 24.36 -21.53 -3.17
C HIS A 15 24.30 -20.38 -2.17
N CYS A 16 24.37 -20.76 -0.89
CA CYS A 16 24.27 -19.79 0.20
C CYS A 16 25.25 -18.64 0.07
N HIS A 17 24.74 -17.42 0.14
CA HIS A 17 25.54 -16.24 0.44
C HIS A 17 24.94 -15.59 1.69
N ARG A 18 25.13 -16.27 2.82
CA ARG A 18 24.61 -15.85 4.13
C ARG A 18 25.33 -14.61 4.64
N ARG A 19 24.55 -13.61 5.06
CA ARG A 19 25.12 -12.41 5.66
C ARG A 19 24.44 -12.13 7.00
N ARG A 20 25.19 -11.53 7.91
CA ARG A 20 24.70 -11.20 9.24
C ARG A 20 24.81 -9.70 9.46
N TYR A 21 23.66 -9.06 9.69
CA TYR A 21 23.60 -7.63 9.95
C TYR A 21 23.22 -7.39 11.41
N THR A 22 23.93 -6.46 12.06
CA THR A 22 23.58 -6.11 13.42
C THR A 22 22.37 -5.17 13.41
N ALA A 23 21.74 -5.01 14.57
CA ALA A 23 20.61 -4.09 14.71
C ALA A 23 21.03 -2.69 14.25
N LYS A 24 20.07 -1.97 13.66
CA LYS A 24 20.23 -0.62 13.09
C LYS A 24 21.03 -0.59 11.79
N SER A 25 21.52 -1.72 11.30
CA SER A 25 22.35 -1.69 10.10
C SER A 25 21.49 -1.63 8.85
N THR A 26 21.88 -0.75 7.92
CA THR A 26 21.13 -0.60 6.67
C THR A 26 21.54 -1.68 5.68
N ILE A 27 20.56 -2.33 5.08
CA ILE A 27 20.78 -3.39 4.10
C ILE A 27 20.51 -2.93 2.69
N ILE A 28 19.47 -2.12 2.48
CA ILE A 28 19.12 -1.58 1.19
C ILE A 28 18.91 -0.08 1.31
N TYR A 29 19.46 0.67 0.36
CA TYR A 29 19.23 2.11 0.27
C TYR A 29 18.34 2.39 -0.93
N ALA A 30 17.39 3.30 -0.75
CA ALA A 30 16.50 3.67 -1.84
C ALA A 30 17.26 4.37 -2.95
N GLY A 31 16.95 4.03 -4.20
CA GLY A 31 17.63 4.58 -5.34
C GLY A 31 18.75 3.73 -5.90
N ASP A 32 19.18 2.69 -5.18
CA ASP A 32 20.26 1.85 -5.66
C ASP A 32 19.76 0.98 -6.82
N ARG A 33 20.69 0.57 -7.68
CA ARG A 33 20.34 -0.24 -8.84
C ARG A 33 21.24 -1.47 -8.92
N CYS A 34 21.13 -2.31 -7.89
CA CYS A 34 21.84 -3.58 -7.82
C CYS A 34 20.81 -4.71 -7.81
N GLU A 35 21.09 -5.77 -8.56
CA GLU A 35 20.14 -6.85 -8.79
C GLU A 35 20.40 -7.96 -7.78
N THR A 36 19.81 -7.84 -6.60
CA THR A 36 20.02 -8.82 -5.53
C THR A 36 18.72 -9.06 -4.76
N LEU A 37 18.40 -10.33 -4.54
CA LEU A 37 17.26 -10.73 -3.74
C LEU A 37 17.73 -11.18 -2.36
N PHE A 38 16.95 -10.87 -1.33
CA PHE A 38 17.28 -11.21 0.04
C PHE A 38 16.20 -12.10 0.64
N PHE A 39 16.62 -13.00 1.52
CA PHE A 39 15.71 -13.85 2.29
C PHE A 39 16.13 -13.82 3.76
N ILE A 40 15.16 -13.63 4.65
CA ILE A 40 15.43 -13.51 6.08
C ILE A 40 15.38 -14.89 6.70
N ILE A 41 16.52 -15.35 7.22
CA ILE A 41 16.55 -16.62 7.95
C ILE A 41 16.08 -16.41 9.38
N LYS A 42 16.55 -15.34 10.04
CA LYS A 42 16.19 -15.05 11.42
C LYS A 42 16.39 -13.56 11.65
N GLY A 43 15.40 -12.92 12.27
CA GLY A 43 15.43 -11.50 12.53
C GLY A 43 14.26 -10.79 11.90
N SER A 44 14.36 -9.45 11.90
CA SER A 44 13.30 -8.60 11.37
C SER A 44 13.90 -7.30 10.86
N VAL A 45 13.37 -6.81 9.74
CA VAL A 45 13.86 -5.59 9.12
C VAL A 45 12.77 -4.53 9.18
N THR A 46 13.16 -3.29 8.90
CA THR A 46 12.24 -2.15 8.81
C THR A 46 12.31 -1.58 7.40
N ILE A 47 11.15 -1.36 6.80
CA ILE A 47 11.03 -0.76 5.48
C ILE A 47 10.72 0.71 5.65
N LEU A 48 11.54 1.57 5.05
CA LEU A 48 11.37 3.01 5.20
C LEU A 48 11.26 3.67 3.84
N ILE A 49 10.40 4.69 3.77
CA ILE A 49 10.24 5.55 2.62
C ILE A 49 10.31 6.99 3.11
N GLU A 50 10.42 7.89 2.14
CA GLU A 50 10.39 9.32 2.42
C GLU A 50 9.01 9.92 2.11
N ASP A 51 8.58 10.92 2.92
CA ASP A 51 7.49 11.84 2.60
C ASP A 51 7.94 12.90 1.64
N ASP A 52 7.13 13.95 1.53
CA ASP A 52 7.25 14.91 0.46
C ASP A 52 8.40 15.89 0.65
N ASP A 53 9.00 15.94 1.85
CA ASP A 53 10.15 16.82 2.11
C ASP A 53 11.40 16.06 2.55
N GLY A 54 11.46 14.76 2.27
CA GLY A 54 12.69 14.03 2.51
C GLY A 54 12.91 13.56 3.93
N ARG A 55 11.85 13.31 4.69
CA ARG A 55 11.93 12.73 6.01
C ARG A 55 11.68 11.23 5.90
N GLU A 56 12.31 10.45 6.75
CA GLU A 56 12.07 9.03 6.58
C GLU A 56 10.73 8.66 7.24
N MET A 57 10.14 7.55 6.79
CA MET A 57 8.87 7.09 7.34
C MET A 57 8.82 5.57 7.31
N ILE A 58 8.36 4.98 8.42
CA ILE A 58 8.25 3.53 8.51
C ILE A 58 6.98 3.07 7.82
N ILE A 59 7.12 2.12 6.91
CA ILE A 59 5.99 1.52 6.20
C ILE A 59 5.56 0.21 6.88
N GLY A 60 6.51 -0.67 7.16
CA GLY A 60 6.17 -1.92 7.81
C GLY A 60 7.41 -2.64 8.28
N TYR A 61 7.21 -3.92 8.64
CA TYR A 61 8.28 -4.80 9.07
C TYR A 61 8.15 -6.15 8.37
N LEU A 62 9.29 -6.74 8.05
CA LEU A 62 9.35 -8.08 7.50
C LEU A 62 10.12 -8.95 8.47
N ASN A 63 9.73 -10.26 8.54
CA ASN A 63 10.27 -11.15 9.53
C ASN A 63 10.88 -12.39 8.88
N SER A 64 11.01 -13.46 9.66
CA SER A 64 11.62 -14.70 9.17
C SER A 64 10.77 -15.32 8.07
N GLY A 65 11.45 -15.86 7.05
CA GLY A 65 10.75 -16.43 5.92
C GLY A 65 10.32 -15.43 4.87
N ASP A 66 10.68 -14.16 5.04
CA ASP A 66 10.28 -13.10 4.12
C ASP A 66 11.39 -12.83 3.11
N PHE A 67 10.98 -12.58 1.88
CA PHE A 67 11.88 -12.04 0.87
C PHE A 67 11.77 -10.52 0.86
N PHE A 68 12.85 -9.86 0.44
CA PHE A 68 12.77 -8.44 0.15
C PHE A 68 13.85 -8.09 -0.88
N GLY A 69 13.74 -6.89 -1.44
CA GLY A 69 14.57 -6.54 -2.56
C GLY A 69 14.19 -7.32 -3.80
N GLU A 70 12.90 -7.55 -4.01
CA GLU A 70 12.40 -8.41 -5.08
C GLU A 70 11.62 -7.67 -6.14
N LEU A 71 11.37 -6.37 -5.96
CA LEU A 71 10.57 -5.63 -6.92
C LEU A 71 11.32 -5.35 -8.22
N GLY A 72 12.64 -5.49 -8.23
CA GLY A 72 13.37 -5.35 -9.48
C GLY A 72 13.44 -6.59 -10.33
N LEU A 73 12.98 -7.74 -9.82
CA LEU A 73 12.98 -8.96 -10.60
C LEU A 73 12.05 -8.87 -11.81
N PHE A 74 11.16 -7.88 -11.83
CA PHE A 74 10.15 -7.70 -12.85
C PHE A 74 10.38 -6.36 -13.52
N GLU A 75 9.92 -6.25 -14.78
CA GLU A 75 10.12 -5.02 -15.54
C GLU A 75 8.80 -4.43 -16.01
N GLU A 82 15.89 0.09 -9.84
CA GLU A 82 15.94 1.07 -8.77
C GLU A 82 15.30 0.54 -7.50
N ARG A 83 15.95 0.74 -6.36
CA ARG A 83 15.40 0.28 -5.08
C ARG A 83 14.38 1.29 -4.58
N SER A 84 13.21 0.78 -4.19
CA SER A 84 12.06 1.61 -3.88
C SER A 84 12.03 2.09 -2.44
N ALA A 85 12.81 1.49 -1.55
CA ALA A 85 12.73 1.85 -0.14
C ALA A 85 14.02 1.46 0.57
N TRP A 86 14.22 2.02 1.75
CA TRP A 86 15.29 1.59 2.63
C TRP A 86 14.87 0.34 3.38
N VAL A 87 15.78 -0.62 3.45
CA VAL A 87 15.58 -1.82 4.27
C VAL A 87 16.66 -1.79 5.35
N ARG A 88 16.23 -1.62 6.59
CA ARG A 88 17.14 -1.53 7.72
C ARG A 88 16.84 -2.66 8.69
N ALA A 89 17.90 -3.26 9.22
CA ALA A 89 17.75 -4.38 10.14
C ALA A 89 17.36 -3.85 11.51
N LYS A 90 16.17 -4.19 12.00
CA LYS A 90 15.83 -3.69 13.33
C LYS A 90 16.44 -4.53 14.44
N VAL A 91 16.59 -5.84 14.23
CA VAL A 91 17.32 -6.69 15.17
C VAL A 91 18.46 -7.33 14.38
N GLU A 92 19.19 -8.25 15.02
CA GLU A 92 20.22 -9.01 14.33
C GLU A 92 19.57 -9.92 13.31
N CYS A 93 19.78 -9.65 12.03
CA CYS A 93 19.17 -10.41 10.96
C CYS A 93 20.20 -11.37 10.35
N GLU A 94 19.78 -12.61 10.15
CA GLU A 94 20.53 -13.57 9.34
C GLU A 94 19.84 -13.61 7.99
N VAL A 95 20.51 -13.10 6.96
CA VAL A 95 19.90 -13.02 5.64
C VAL A 95 20.82 -13.67 4.62
N ALA A 96 20.22 -14.23 3.59
CA ALA A 96 21.00 -14.74 2.49
C ALA A 96 20.60 -14.03 1.20
N GLU A 97 21.64 -13.61 0.47
CA GLU A 97 21.58 -13.21 -0.93
C GLU A 97 21.45 -14.34 -1.95
N ILE A 98 20.66 -14.03 -2.99
CA ILE A 98 20.56 -14.74 -4.25
C ILE A 98 20.56 -13.68 -5.34
N SER A 99 21.38 -13.85 -6.36
CA SER A 99 21.38 -12.93 -7.49
C SER A 99 20.05 -13.00 -8.25
N TYR A 100 19.69 -11.88 -8.91
CA TYR A 100 18.52 -11.90 -9.78
C TYR A 100 18.70 -12.91 -10.91
N ALA A 101 19.95 -13.14 -11.34
CA ALA A 101 20.20 -14.13 -12.38
C ALA A 101 19.90 -15.53 -11.89
N LYS A 102 20.34 -15.87 -10.68
CA LYS A 102 20.06 -17.20 -10.15
C LYS A 102 18.56 -17.43 -9.97
N PHE A 103 17.83 -16.39 -9.55
CA PHE A 103 16.39 -16.53 -9.39
C PHE A 103 15.69 -16.75 -10.73
N ARG A 104 16.16 -16.07 -11.78
CA ARG A 104 15.52 -16.23 -13.09
C ARG A 104 15.65 -17.65 -13.60
N GLU A 105 16.82 -18.28 -13.40
CA GLU A 105 16.99 -19.66 -13.85
C GLU A 105 16.12 -20.62 -13.06
N LEU A 106 16.07 -20.46 -11.74
CA LEU A 106 15.28 -21.40 -10.93
C LEU A 106 13.78 -21.17 -11.03
N SER A 107 13.34 -20.03 -11.58
CA SER A 107 11.93 -19.87 -11.91
C SER A 107 11.55 -20.77 -13.07
N GLN A 108 12.52 -21.16 -13.91
CA GLN A 108 12.29 -22.07 -15.02
C GLN A 108 12.38 -23.53 -14.60
N GLN A 109 13.11 -23.82 -13.52
CA GLN A 109 13.16 -25.16 -12.96
C GLN A 109 11.97 -25.48 -12.08
N ASP A 110 11.18 -24.46 -11.71
CA ASP A 110 9.98 -24.63 -10.90
C ASP A 110 9.24 -23.30 -10.89
N SER A 111 7.92 -23.36 -11.02
CA SER A 111 7.10 -22.17 -11.06
C SER A 111 6.54 -21.80 -9.68
N GLU A 112 6.74 -22.63 -8.66
CA GLU A 112 6.23 -22.31 -7.34
C GLU A 112 7.03 -21.22 -6.64
N ILE A 113 8.20 -20.85 -7.15
CA ILE A 113 8.96 -19.79 -6.49
C ILE A 113 8.37 -18.44 -6.84
N LEU A 114 7.74 -18.31 -8.01
CA LEU A 114 7.05 -17.08 -8.36
C LEU A 114 5.73 -16.94 -7.60
N TYR A 115 5.09 -18.06 -7.27
CA TYR A 115 3.92 -17.99 -6.40
C TYR A 115 4.31 -17.70 -4.96
N THR A 116 5.44 -18.26 -4.51
CA THR A 116 5.93 -17.92 -3.18
C THR A 116 6.30 -16.44 -3.10
N LEU A 117 6.93 -15.92 -4.14
CA LEU A 117 7.26 -14.50 -4.18
C LEU A 117 6.01 -13.66 -4.40
N GLY A 118 5.11 -14.13 -5.27
CA GLY A 118 3.87 -13.42 -5.49
C GLY A 118 2.94 -13.43 -4.29
N SER A 119 2.97 -14.50 -3.49
CA SER A 119 2.16 -14.55 -2.29
C SER A 119 2.59 -13.50 -1.26
N GLN A 120 3.89 -13.22 -1.17
CA GLN A 120 4.36 -12.18 -0.27
C GLN A 120 4.12 -10.79 -0.85
N MET A 121 4.21 -10.65 -2.18
CA MET A 121 3.92 -9.36 -2.80
C MET A 121 2.44 -9.00 -2.65
N ALA A 122 1.55 -10.00 -2.76
CA ALA A 122 0.12 -9.75 -2.64
C ALA A 122 -0.25 -9.42 -1.19
N ASP A 123 0.43 -10.05 -0.24
CA ASP A 123 0.13 -9.80 1.17
C ASP A 123 0.66 -8.43 1.62
N ARG A 124 1.72 -7.95 0.97
CA ARG A 124 2.22 -6.60 1.24
C ARG A 124 1.34 -5.52 0.61
N LEU A 125 0.69 -5.84 -0.50
CA LEU A 125 -0.27 -4.91 -1.09
C LEU A 125 -1.47 -4.72 -0.17
N ARG A 126 -2.00 -5.83 0.37
CA ARG A 126 -3.14 -5.76 1.27
C ARG A 126 -2.84 -4.87 2.47
N LYS A 127 -1.71 -5.13 3.14
CA LYS A 127 -1.35 -4.36 4.32
C LYS A 127 -1.10 -2.90 3.99
N THR A 128 -0.43 -2.63 2.86
CA THR A 128 -0.15 -1.25 2.48
C THR A 128 -1.41 -0.55 2.01
N THR A 129 -2.33 -1.26 1.35
CA THR A 129 -3.60 -0.64 0.96
C THR A 129 -4.46 -0.35 2.19
N ARG A 130 -4.45 -1.26 3.17
CA ARG A 130 -5.08 -0.97 4.46
C ARG A 130 -4.38 0.20 5.14
N LYS A 131 -3.08 0.36 4.90
CA LYS A 131 -2.32 1.46 5.46
C LYS A 131 -2.76 2.81 4.89
N VAL A 132 -3.17 2.84 3.62
CA VAL A 132 -3.62 4.09 3.01
C VAL A 132 -4.95 4.53 3.64
N GLY A 133 -5.88 3.59 3.78
CA GLY A 133 -7.19 3.93 4.32
C GLY A 133 -7.16 4.29 5.78
N ASP A 134 -6.28 3.66 6.56
CA ASP A 134 -6.16 3.98 7.97
C ASP A 134 -5.58 5.37 8.20
N LEU A 135 -4.94 5.96 7.19
CA LEU A 135 -4.48 7.34 7.31
C LEU A 135 -5.54 8.34 6.88
N ALA A 136 -6.48 7.92 6.03
CA ALA A 136 -7.56 8.78 5.58
C ALA A 136 -8.74 8.83 6.55
N PHE A 137 -9.13 7.69 7.10
CA PHE A 137 -10.32 7.61 7.94
C PHE A 137 -10.01 7.59 9.43
N LEU A 138 -8.76 7.81 9.81
CA LEU A 138 -8.36 7.84 11.22
C LEU A 138 -7.54 9.09 11.49
N ASP A 139 -7.75 9.69 12.66
CA ASP A 139 -6.90 10.78 13.10
C ASP A 139 -5.74 10.19 13.93
N VAL A 140 -4.82 11.07 14.35
CA VAL A 140 -3.57 10.62 14.95
C VAL A 140 -3.81 9.75 16.18
N THR A 141 -4.79 10.13 17.01
CA THR A 141 -5.10 9.32 18.18
C THR A 141 -5.57 7.92 17.79
N GLY A 142 -6.39 7.83 16.74
CA GLY A 142 -6.85 6.53 16.30
C GLY A 142 -5.78 5.71 15.62
N ARG A 143 -4.81 6.38 14.99
CA ARG A 143 -3.75 5.65 14.28
C ARG A 143 -2.71 5.10 15.23
N VAL A 144 -2.38 5.84 16.30
CA VAL A 144 -1.55 5.24 17.34
C VAL A 144 -2.30 4.13 18.08
N ALA A 145 -3.64 4.16 18.02
CA ALA A 145 -4.43 3.11 18.64
C ALA A 145 -4.43 1.87 17.78
N ARG A 146 -4.59 2.05 16.46
CA ARG A 146 -4.49 0.92 15.54
C ARG A 146 -3.07 0.38 15.46
N THR A 147 -2.07 1.27 15.35
CA THR A 147 -0.68 0.81 15.23
C THR A 147 -0.30 -0.07 16.41
N LEU A 148 -0.73 0.30 17.62
CA LEU A 148 -0.53 -0.56 18.77
C LEU A 148 -1.31 -1.85 18.62
N LEU A 149 -2.50 -1.75 18.01
CA LEU A 149 -3.34 -2.91 17.85
C LEU A 149 -2.75 -3.84 16.78
N ASP A 150 -2.03 -3.28 15.81
CA ASP A 150 -1.39 -4.11 14.78
C ASP A 150 -0.10 -4.77 15.25
N LEU A 151 0.64 -4.16 16.18
CA LEU A 151 1.91 -4.76 16.57
C LEU A 151 1.75 -5.95 17.51
N CYS A 152 0.52 -6.26 17.95
CA CYS A 152 0.29 -7.50 18.67
C CYS A 152 0.22 -8.70 17.72
N GLN A 153 -0.55 -8.55 16.64
CA GLN A 153 -0.69 -9.62 15.65
C GLN A 153 0.50 -9.57 14.70
N GLN A 154 1.69 -9.46 15.28
CA GLN A 154 2.95 -9.24 14.59
C GLN A 154 4.01 -9.93 15.43
N PRO A 155 5.03 -10.51 14.81
CA PRO A 155 6.02 -11.27 15.58
C PRO A 155 6.81 -10.40 16.54
N ASP A 156 7.37 -11.08 17.55
CA ASP A 156 8.22 -10.53 18.62
C ASP A 156 7.45 -9.83 19.74
N ALA A 157 6.21 -10.23 20.00
CA ALA A 157 5.47 -9.76 21.17
C ALA A 157 5.12 -10.96 22.05
N MET A 158 5.68 -11.05 23.29
CA MET A 158 5.17 -12.14 24.14
C MET A 158 3.86 -11.71 24.80
N THR A 159 3.11 -12.73 25.21
CA THR A 159 1.84 -12.49 25.89
C THR A 159 2.10 -12.03 27.32
N HIS A 160 1.31 -11.08 27.77
CA HIS A 160 1.31 -10.51 29.13
C HIS A 160 0.02 -10.86 29.89
N PRO A 161 0.12 -11.03 31.23
CA PRO A 161 -1.08 -11.39 32.00
C PRO A 161 -2.28 -10.47 31.78
N ASP A 162 -2.05 -9.18 31.57
CA ASP A 162 -3.13 -8.23 31.32
C ASP A 162 -3.22 -7.81 29.86
N GLY A 163 -2.34 -8.32 29.00
CA GLY A 163 -2.38 -7.98 27.60
C GLY A 163 -1.21 -8.52 26.80
N MET A 164 -0.54 -7.63 26.08
CA MET A 164 0.58 -7.97 25.22
C MET A 164 1.73 -7.00 25.46
N GLN A 165 2.94 -7.46 25.16
CA GLN A 165 4.15 -6.64 25.25
C GLN A 165 4.65 -6.39 23.84
N ILE A 166 5.00 -5.15 23.55
CA ILE A 166 5.56 -4.80 22.25
C ILE A 166 6.80 -3.94 22.48
N LYS A 167 7.78 -4.09 21.58
CA LYS A 167 9.02 -3.33 21.68
C LYS A 167 9.00 -2.22 20.65
N ILE A 168 8.63 -1.02 21.08
CA ILE A 168 8.57 0.12 20.17
C ILE A 168 8.77 1.38 21.00
N THR A 169 9.45 2.36 20.41
CA THR A 169 9.64 3.65 21.05
C THR A 169 8.57 4.58 20.48
N ARG A 170 8.38 5.73 21.14
CA ARG A 170 7.37 6.67 20.66
C ARG A 170 7.86 7.34 19.36
N GLN A 171 9.18 7.48 19.19
CA GLN A 171 9.68 8.11 17.95
C GLN A 171 9.59 7.17 16.77
N GLU A 172 9.43 5.85 17.03
CA GLU A 172 9.11 4.90 15.97
C GLU A 172 7.63 4.99 15.58
N ILE A 173 6.76 5.19 16.57
CA ILE A 173 5.34 5.33 16.28
C ILE A 173 5.05 6.62 15.53
N GLY A 174 5.82 7.68 15.82
CA GLY A 174 5.59 8.94 15.13
C GLY A 174 5.88 8.88 13.65
N ARG A 175 6.80 8.02 13.25
CA ARG A 175 7.12 7.80 11.84
C ARG A 175 6.25 6.72 11.21
N ILE A 176 5.40 6.06 12.00
CA ILE A 176 4.40 5.15 11.45
C ILE A 176 3.06 5.86 11.23
N VAL A 177 2.65 6.71 12.16
CA VAL A 177 1.32 7.33 12.12
C VAL A 177 1.33 8.72 11.50
N GLY A 178 2.49 9.31 11.27
CA GLY A 178 2.55 10.61 10.61
C GLY A 178 2.39 11.80 11.53
N CYS A 179 3.04 11.79 12.69
CA CYS A 179 3.05 12.95 13.57
C CYS A 179 4.36 12.94 14.34
N SER A 180 4.59 13.99 15.13
CA SER A 180 5.85 14.09 15.85
C SER A 180 5.80 13.20 17.10
N ARG A 181 6.99 12.84 17.59
CA ARG A 181 7.06 12.02 18.80
C ARG A 181 6.47 12.74 20.01
N GLU A 182 6.61 14.07 20.06
CA GLU A 182 6.06 14.83 21.18
C GLU A 182 4.54 14.87 21.14
N MET A 183 3.96 15.02 19.95
CA MET A 183 2.50 15.04 19.85
C MET A 183 1.95 13.64 20.12
N VAL A 184 2.69 12.62 19.72
CA VAL A 184 2.44 11.23 20.12
C VAL A 184 2.61 11.01 21.62
N GLY A 185 3.32 11.90 22.31
CA GLY A 185 3.54 11.71 23.74
C GLY A 185 2.21 11.56 24.50
N ARG A 186 1.20 12.28 24.05
CA ARG A 186 -0.16 12.17 24.57
C ARG A 186 -0.81 10.85 24.25
N VAL A 187 -0.82 10.51 22.97
CA VAL A 187 -1.60 9.36 22.59
C VAL A 187 -1.17 8.18 23.43
N LEU A 188 0.13 8.09 23.69
CA LEU A 188 0.58 7.14 24.71
C LEU A 188 0.24 7.62 26.11
N LYS A 189 0.39 8.92 26.40
CA LYS A 189 0.01 9.45 27.72
C LYS A 189 -1.50 9.35 27.96
N SER A 190 -2.30 9.88 27.04
CA SER A 190 -3.75 9.84 27.21
C SER A 190 -4.27 8.41 27.21
N LEU A 191 -3.68 7.52 26.41
CA LEU A 191 -4.13 6.13 26.42
C LEU A 191 -3.67 5.41 27.68
N GLU A 192 -2.54 5.84 28.27
CA GLU A 192 -2.04 5.16 29.46
C GLU A 192 -2.94 5.41 30.66
N GLU A 193 -3.49 6.61 30.77
CA GLU A 193 -4.37 6.95 31.89
C GLU A 193 -5.82 6.55 31.65
N GLN A 194 -6.19 6.15 30.43
CA GLN A 194 -7.52 5.61 30.22
C GLN A 194 -7.61 4.14 30.63
N GLY A 195 -6.50 3.43 30.60
CA GLY A 195 -6.46 2.04 30.96
C GLY A 195 -6.34 1.11 29.78
N LEU A 196 -5.68 1.55 28.70
CA LEU A 196 -5.33 0.71 27.57
C LEU A 196 -3.86 0.31 27.56
N VAL A 197 -2.92 1.18 27.96
CA VAL A 197 -1.52 0.97 27.62
C VAL A 197 -0.56 1.26 28.80
N HIS A 198 0.67 0.72 28.68
CA HIS A 198 1.80 0.96 29.56
C HIS A 198 2.93 1.50 28.72
N VAL A 199 3.55 2.62 29.07
CA VAL A 199 4.80 2.98 28.40
C VAL A 199 5.94 2.79 29.38
N LYS A 200 6.91 1.96 28.99
CA LYS A 200 8.20 1.93 29.65
C LYS A 200 9.27 1.82 28.57
N GLY A 201 10.51 1.78 29.03
CA GLY A 201 11.68 1.76 28.19
C GLY A 201 11.77 0.65 27.17
N LYS A 202 11.61 1.03 25.91
CA LYS A 202 11.74 0.14 24.76
C LYS A 202 10.68 -0.96 24.74
N THR A 203 9.75 -0.92 25.70
CA THR A 203 8.72 -1.93 25.85
C THR A 203 7.40 -1.27 26.25
N MET A 204 6.34 -1.60 25.52
CA MET A 204 4.99 -1.10 25.78
C MET A 204 4.07 -2.28 26.04
N VAL A 205 3.15 -2.13 26.99
CA VAL A 205 2.15 -3.14 27.30
C VAL A 205 0.80 -2.61 26.87
N VAL A 206 0.12 -3.34 25.99
CA VAL A 206 -1.21 -2.98 25.52
C VAL A 206 -2.21 -3.94 26.14
N PHE A 207 -3.23 -3.40 26.79
CA PHE A 207 -4.21 -4.21 27.50
C PHE A 207 -5.27 -4.77 26.54
N ALA B 14 -9.78 -18.05 -26.58
CA ALA B 14 -10.20 -17.10 -25.55
C ALA B 14 -11.72 -17.07 -25.44
N HIS B 15 -12.30 -15.89 -25.70
CA HIS B 15 -13.75 -15.70 -25.77
C HIS B 15 -14.35 -16.06 -24.41
N CYS B 16 -15.61 -16.51 -24.41
CA CYS B 16 -16.33 -16.83 -23.18
C CYS B 16 -16.25 -15.64 -22.24
N HIS B 17 -15.19 -15.64 -21.43
CA HIS B 17 -14.65 -14.53 -20.66
C HIS B 17 -15.23 -13.15 -20.93
N ARG B 18 -15.36 -12.75 -22.19
CA ARG B 18 -15.69 -11.36 -22.49
C ARG B 18 -17.02 -10.92 -21.89
N ARG B 19 -16.92 -9.93 -21.01
CA ARG B 19 -18.06 -9.27 -20.41
C ARG B 19 -17.82 -7.77 -20.52
N ARG B 20 -18.91 -7.02 -20.65
CA ARG B 20 -18.85 -5.58 -20.82
C ARG B 20 -19.56 -4.91 -19.66
N TYR B 21 -18.84 -4.05 -18.95
CA TYR B 21 -19.39 -3.28 -17.84
C TYR B 21 -19.52 -1.83 -18.27
N THR B 22 -20.67 -1.24 -17.98
CA THR B 22 -20.91 0.16 -18.29
C THR B 22 -20.24 1.04 -17.23
N ALA B 23 -20.10 2.33 -17.55
CA ALA B 23 -19.53 3.28 -16.62
C ALA B 23 -20.32 3.30 -15.31
N LYS B 24 -19.60 3.53 -14.21
CA LYS B 24 -20.10 3.57 -12.83
C LYS B 24 -20.47 2.20 -12.28
N SER B 25 -20.37 1.14 -13.07
CA SER B 25 -20.82 -0.18 -12.64
C SER B 25 -19.75 -0.88 -11.79
N THR B 26 -20.20 -1.49 -10.70
CA THR B 26 -19.29 -2.23 -9.82
C THR B 26 -19.04 -3.61 -10.40
N ILE B 27 -17.76 -4.01 -10.43
CA ILE B 27 -17.36 -5.31 -10.95
C ILE B 27 -17.00 -6.28 -9.84
N ILE B 28 -16.35 -5.78 -8.78
CA ILE B 28 -15.96 -6.60 -7.63
C ILE B 28 -16.40 -5.89 -6.36
N TYR B 29 -16.98 -6.64 -5.44
CA TYR B 29 -17.33 -6.14 -4.12
C TYR B 29 -16.37 -6.70 -3.09
N ALA B 30 -15.94 -5.85 -2.15
CA ALA B 30 -15.04 -6.29 -1.10
C ALA B 30 -15.74 -7.29 -0.19
N GLY B 31 -15.02 -8.35 0.17
CA GLY B 31 -15.55 -9.42 0.98
C GLY B 31 -16.02 -10.62 0.18
N ASP B 32 -16.15 -10.50 -1.13
CA ASP B 32 -16.60 -11.60 -1.97
C ASP B 32 -15.50 -12.65 -2.12
N ARG B 33 -15.92 -13.89 -2.38
CA ARG B 33 -15.03 -15.04 -2.50
C ARG B 33 -15.42 -15.85 -3.75
N CYS B 34 -15.14 -15.31 -4.93
CA CYS B 34 -15.50 -15.99 -6.18
C CYS B 34 -14.30 -16.55 -6.94
N GLU B 35 -13.11 -16.50 -6.34
CA GLU B 35 -11.83 -16.86 -6.94
C GLU B 35 -11.83 -16.80 -8.47
N THR B 36 -11.68 -15.59 -9.02
CA THR B 36 -11.70 -15.37 -10.46
C THR B 36 -10.74 -14.25 -10.80
N LEU B 37 -9.97 -14.43 -11.87
CA LEU B 37 -9.06 -13.41 -12.35
C LEU B 37 -9.68 -12.66 -13.52
N PHE B 38 -9.43 -11.35 -13.57
CA PHE B 38 -9.97 -10.48 -14.61
C PHE B 38 -8.84 -9.83 -15.38
N PHE B 39 -9.08 -9.60 -16.67
CA PHE B 39 -8.15 -8.90 -17.55
C PHE B 39 -8.92 -7.85 -18.32
N ILE B 40 -8.36 -6.64 -18.38
CA ILE B 40 -9.02 -5.53 -19.04
C ILE B 40 -8.62 -5.57 -20.51
N ILE B 41 -9.59 -5.81 -21.38
CA ILE B 41 -9.32 -5.73 -22.81
C ILE B 41 -9.28 -4.27 -23.27
N LYS B 42 -10.23 -3.43 -22.81
CA LYS B 42 -10.31 -2.00 -23.09
C LYS B 42 -11.23 -1.33 -22.08
N GLY B 43 -10.78 -0.22 -21.57
CA GLY B 43 -11.44 0.53 -20.53
C GLY B 43 -10.49 0.73 -19.40
N SER B 44 -11.04 1.26 -18.32
CA SER B 44 -10.24 1.55 -17.16
C SER B 44 -11.16 1.47 -15.96
N VAL B 45 -10.63 0.94 -14.87
CA VAL B 45 -11.38 0.74 -13.65
C VAL B 45 -10.83 1.66 -12.56
N THR B 46 -11.59 1.78 -11.48
CA THR B 46 -11.19 2.51 -10.28
C THR B 46 -11.14 1.54 -9.11
N ILE B 47 -10.06 1.59 -8.34
CA ILE B 47 -9.91 0.77 -7.15
C ILE B 47 -10.28 1.65 -5.96
N LEU B 48 -11.29 1.25 -5.21
CA LEU B 48 -11.81 2.06 -4.13
C LEU B 48 -11.87 1.21 -2.88
N ILE B 49 -11.72 1.84 -1.73
CA ILE B 49 -11.99 1.15 -0.48
C ILE B 49 -13.04 1.97 0.25
N GLU B 50 -13.79 1.29 1.11
CA GLU B 50 -14.79 1.95 1.93
C GLU B 50 -14.27 2.07 3.35
N ASP B 51 -14.68 3.13 4.02
CA ASP B 51 -14.37 3.20 5.44
C ASP B 51 -15.37 2.32 6.15
N ASP B 52 -15.34 2.36 7.46
CA ASP B 52 -16.02 1.26 8.12
C ASP B 52 -17.53 1.53 8.28
N ASP B 53 -17.97 2.76 7.94
CA ASP B 53 -19.35 3.22 7.90
C ASP B 53 -19.76 3.63 6.48
N GLY B 54 -19.06 3.14 5.46
CA GLY B 54 -19.48 3.33 4.09
C GLY B 54 -19.06 4.59 3.38
N ARG B 55 -17.93 5.20 3.74
CA ARG B 55 -17.38 6.31 2.97
C ARG B 55 -16.28 5.81 2.04
N GLU B 56 -16.27 6.36 0.83
CA GLU B 56 -15.36 5.95 -0.24
C GLU B 56 -14.02 6.67 -0.18
N MET B 57 -13.01 6.01 -0.73
CA MET B 57 -11.74 6.66 -1.07
C MET B 57 -11.15 5.93 -2.26
N ILE B 58 -10.70 6.71 -3.25
CA ILE B 58 -10.08 6.13 -4.44
C ILE B 58 -8.64 5.79 -4.13
N ILE B 59 -8.24 4.56 -4.45
CA ILE B 59 -6.85 4.14 -4.25
C ILE B 59 -6.04 4.32 -5.52
N GLY B 60 -6.58 3.89 -6.66
CA GLY B 60 -5.88 4.07 -7.92
C GLY B 60 -6.77 3.75 -9.09
N TYR B 61 -6.14 3.65 -10.26
CA TYR B 61 -6.82 3.28 -11.49
C TYR B 61 -6.01 2.24 -12.23
N LEU B 62 -6.71 1.31 -12.88
CA LEU B 62 -6.09 0.32 -13.75
C LEU B 62 -6.63 0.52 -15.16
N ASN B 63 -5.79 0.25 -16.16
CA ASN B 63 -6.15 0.52 -17.53
C ASN B 63 -6.04 -0.72 -18.41
N SER B 64 -5.93 -0.53 -19.71
CA SER B 64 -5.87 -1.66 -20.64
C SER B 64 -4.62 -2.48 -20.39
N GLY B 65 -4.77 -3.80 -20.48
CA GLY B 65 -3.67 -4.72 -20.25
C GLY B 65 -3.41 -5.04 -18.79
N ASP B 66 -4.22 -4.54 -17.87
CA ASP B 66 -4.02 -4.76 -16.45
C ASP B 66 -4.89 -5.92 -15.96
N PHE B 67 -4.33 -6.74 -15.09
CA PHE B 67 -5.09 -7.75 -14.37
C PHE B 67 -5.61 -7.17 -13.06
N PHE B 68 -6.72 -7.71 -12.57
CA PHE B 68 -7.16 -7.42 -11.22
C PHE B 68 -8.00 -8.60 -10.72
N GLY B 69 -8.27 -8.58 -9.42
CA GLY B 69 -8.85 -9.73 -8.76
C GLY B 69 -7.88 -10.89 -8.66
N GLU B 70 -6.61 -10.59 -8.39
CA GLU B 70 -5.53 -11.58 -8.44
C GLU B 70 -4.89 -11.85 -7.09
N LEU B 71 -5.28 -11.16 -6.02
CA LEU B 71 -4.59 -11.36 -4.75
C LEU B 71 -4.93 -12.66 -4.06
N GLY B 72 -6.07 -13.27 -4.38
CA GLY B 72 -6.40 -14.60 -3.88
C GLY B 72 -5.84 -15.74 -4.70
N LEU B 73 -5.21 -15.40 -5.82
CA LEU B 73 -4.64 -16.38 -6.75
C LEU B 73 -3.51 -17.21 -6.10
N PHE B 74 -3.05 -16.83 -4.90
CA PHE B 74 -1.96 -17.52 -4.21
C PHE B 74 -2.37 -18.14 -2.88
N GLU B 75 -3.67 -18.16 -2.56
CA GLU B 75 -4.13 -18.67 -1.27
C GLU B 75 -5.14 -19.81 -1.44
N GLU B 81 -9.73 -16.24 -0.53
CA GLU B 81 -9.94 -15.20 0.48
C GLU B 81 -10.78 -14.04 0.01
N GLU B 82 -10.89 -13.10 0.92
CA GLU B 82 -11.83 -12.02 0.86
C GLU B 82 -11.33 -10.99 -0.15
N ARG B 83 -12.23 -10.47 -0.99
CA ARG B 83 -11.80 -9.48 -1.98
C ARG B 83 -11.30 -8.25 -1.25
N SER B 84 -10.14 -7.75 -1.66
CA SER B 84 -9.46 -6.74 -0.86
C SER B 84 -9.94 -5.33 -1.12
N ALA B 85 -10.65 -5.08 -2.23
CA ALA B 85 -11.07 -3.72 -2.54
C ALA B 85 -12.24 -3.78 -3.51
N TRP B 86 -12.95 -2.65 -3.59
CA TRP B 86 -14.00 -2.48 -4.60
C TRP B 86 -13.38 -2.07 -5.93
N VAL B 87 -13.87 -2.69 -7.01
CA VAL B 87 -13.46 -2.35 -8.37
C VAL B 87 -14.69 -1.83 -9.11
N ARG B 88 -14.63 -0.57 -9.52
CA ARG B 88 -15.73 0.08 -10.22
C ARG B 88 -15.28 0.51 -11.60
N ALA B 89 -16.16 0.33 -12.59
CA ALA B 89 -15.85 0.68 -13.97
C ALA B 89 -15.95 2.19 -14.16
N LYS B 90 -14.84 2.83 -14.53
CA LYS B 90 -14.86 4.28 -14.74
C LYS B 90 -15.46 4.66 -16.08
N VAL B 91 -15.19 3.89 -17.13
CA VAL B 91 -15.83 4.06 -18.42
C VAL B 91 -16.46 2.71 -18.78
N GLU B 92 -16.99 2.58 -19.99
CA GLU B 92 -17.41 1.25 -20.46
C GLU B 92 -16.19 0.37 -20.65
N CYS B 93 -16.07 -0.65 -19.79
CA CYS B 93 -14.94 -1.56 -19.77
C CYS B 93 -15.32 -2.92 -20.37
N GLU B 94 -14.45 -3.46 -21.20
CA GLU B 94 -14.53 -4.85 -21.65
C GLU B 94 -13.51 -5.68 -20.88
N VAL B 95 -13.98 -6.66 -20.11
CA VAL B 95 -13.16 -7.46 -19.22
C VAL B 95 -13.38 -8.95 -19.53
N ALA B 96 -12.34 -9.75 -19.29
CA ALA B 96 -12.35 -11.19 -19.52
C ALA B 96 -12.17 -11.96 -18.21
N GLU B 97 -12.89 -13.06 -18.03
CA GLU B 97 -12.68 -13.92 -16.89
C GLU B 97 -11.34 -14.59 -17.09
N ILE B 98 -10.67 -14.95 -16.00
CA ILE B 98 -9.80 -16.11 -16.01
C ILE B 98 -10.08 -16.85 -14.72
N SER B 99 -10.38 -18.14 -14.84
CA SER B 99 -10.49 -18.96 -13.65
C SER B 99 -9.11 -19.07 -13.01
N TYR B 100 -9.09 -19.20 -11.69
CA TYR B 100 -7.81 -19.44 -11.03
C TYR B 100 -7.19 -20.75 -11.50
N ALA B 101 -8.03 -21.74 -11.84
CA ALA B 101 -7.52 -23.00 -12.36
C ALA B 101 -6.93 -22.82 -13.75
N LYS B 102 -7.63 -22.08 -14.63
CA LYS B 102 -7.14 -21.86 -15.98
C LYS B 102 -5.81 -21.11 -15.98
N PHE B 103 -5.69 -20.10 -15.11
CA PHE B 103 -4.42 -19.38 -15.01
C PHE B 103 -3.34 -20.28 -14.41
N ARG B 104 -3.68 -21.07 -13.40
CA ARG B 104 -2.72 -21.98 -12.79
C ARG B 104 -2.31 -23.08 -13.78
N GLU B 105 -3.27 -23.59 -14.56
CA GLU B 105 -2.95 -24.58 -15.57
C GLU B 105 -2.06 -23.99 -16.66
N LEU B 106 -2.36 -22.76 -17.07
CA LEU B 106 -1.60 -22.06 -18.09
C LEU B 106 -0.26 -21.57 -17.58
N SER B 107 0.00 -21.70 -16.27
CA SER B 107 1.31 -21.38 -15.72
C SER B 107 2.42 -22.27 -16.28
N GLN B 108 2.07 -23.45 -16.80
CA GLN B 108 3.02 -24.39 -17.38
C GLN B 108 4.03 -24.84 -16.33
N SER B 111 5.36 -19.18 -20.08
CA SER B 111 5.71 -19.13 -18.67
C SER B 111 6.04 -17.71 -18.23
N GLU B 112 6.11 -16.80 -19.21
CA GLU B 112 6.35 -15.39 -18.96
C GLU B 112 5.15 -14.66 -18.40
N ILE B 113 3.98 -15.32 -18.32
CA ILE B 113 2.78 -14.65 -17.86
C ILE B 113 2.82 -14.39 -16.35
N LEU B 114 3.57 -15.21 -15.60
CA LEU B 114 3.73 -14.95 -14.17
C LEU B 114 4.66 -13.77 -13.92
N TYR B 115 5.61 -13.51 -14.83
CA TYR B 115 6.42 -12.31 -14.72
C TYR B 115 5.62 -11.08 -15.12
N THR B 116 4.74 -11.22 -16.11
CA THR B 116 3.87 -10.12 -16.51
C THR B 116 2.91 -9.72 -15.40
N LEU B 117 2.33 -10.71 -14.70
CA LEU B 117 1.40 -10.34 -13.64
C LEU B 117 2.17 -9.75 -12.46
N GLY B 118 3.33 -10.33 -12.14
CA GLY B 118 4.15 -9.79 -11.06
C GLY B 118 4.69 -8.42 -11.35
N SER B 119 4.92 -8.11 -12.63
CA SER B 119 5.35 -6.76 -13.00
C SER B 119 4.26 -5.74 -12.70
N GLN B 120 2.99 -6.13 -12.85
CA GLN B 120 1.89 -5.24 -12.53
C GLN B 120 1.70 -5.11 -11.01
N MET B 121 1.93 -6.21 -10.28
CA MET B 121 1.85 -6.15 -8.83
C MET B 121 2.98 -5.34 -8.24
N ALA B 122 4.19 -5.44 -8.82
CA ALA B 122 5.32 -4.69 -8.29
C ALA B 122 5.14 -3.20 -8.50
N ASP B 123 4.50 -2.81 -9.59
CA ASP B 123 4.19 -1.40 -9.81
C ASP B 123 3.06 -0.94 -8.91
N ARG B 124 2.18 -1.85 -8.48
CA ARG B 124 1.09 -1.46 -7.60
C ARG B 124 1.54 -1.17 -6.18
N LEU B 125 2.58 -1.87 -5.67
CA LEU B 125 3.13 -1.47 -4.37
C LEU B 125 3.84 -0.13 -4.45
N ARG B 126 4.69 0.06 -5.47
CA ARG B 126 5.44 1.30 -5.58
C ARG B 126 4.49 2.50 -5.58
N LYS B 127 3.47 2.47 -6.45
CA LYS B 127 2.53 3.58 -6.50
C LYS B 127 1.73 3.70 -5.20
N THR B 128 1.29 2.58 -4.62
CA THR B 128 0.50 2.64 -3.40
C THR B 128 1.36 3.00 -2.19
N THR B 129 2.60 2.50 -2.15
CA THR B 129 3.50 2.87 -1.05
C THR B 129 3.93 4.32 -1.17
N ARG B 130 4.17 4.79 -2.40
CA ARG B 130 4.42 6.20 -2.61
C ARG B 130 3.22 7.05 -2.21
N LYS B 131 2.01 6.50 -2.37
CA LYS B 131 0.80 7.22 -1.98
C LYS B 131 0.70 7.35 -0.46
N VAL B 132 1.23 6.37 0.29
CA VAL B 132 1.13 6.42 1.75
C VAL B 132 1.93 7.60 2.29
N GLY B 133 3.14 7.80 1.78
CA GLY B 133 3.97 8.89 2.29
C GLY B 133 3.41 10.25 1.94
N ASP B 134 2.81 10.38 0.77
CA ASP B 134 2.19 11.65 0.39
C ASP B 134 0.92 11.93 1.19
N LEU B 135 0.28 10.90 1.73
CA LEU B 135 -0.90 11.09 2.57
C LEU B 135 -0.58 11.19 4.05
N ALA B 136 0.57 10.67 4.48
CA ALA B 136 0.90 10.75 5.88
C ALA B 136 1.45 12.12 6.21
N PHE B 137 1.20 12.53 7.44
CA PHE B 137 1.55 13.85 7.93
C PHE B 137 0.68 14.95 7.31
N LEU B 138 -0.44 14.60 6.68
CA LEU B 138 -1.36 15.56 6.10
C LEU B 138 -2.75 15.40 6.70
N ASP B 139 -3.38 16.54 7.00
CA ASP B 139 -4.77 16.61 7.43
C ASP B 139 -5.66 16.86 6.21
N VAL B 140 -6.96 16.91 6.45
CA VAL B 140 -7.94 16.98 5.36
C VAL B 140 -7.71 18.24 4.53
N THR B 141 -7.41 19.36 5.19
CA THR B 141 -7.14 20.59 4.46
C THR B 141 -5.92 20.45 3.56
N GLY B 142 -4.88 19.76 4.03
CA GLY B 142 -3.69 19.59 3.23
C GLY B 142 -3.85 18.65 2.05
N ARG B 143 -4.79 17.69 2.16
CA ARG B 143 -5.00 16.77 1.06
C ARG B 143 -5.79 17.43 -0.06
N VAL B 144 -6.74 18.29 0.29
CA VAL B 144 -7.40 19.14 -0.69
C VAL B 144 -6.46 20.16 -1.30
N ALA B 145 -5.30 20.39 -0.66
CA ALA B 145 -4.43 21.45 -1.14
C ALA B 145 -3.69 21.03 -2.41
N ARG B 146 -3.06 19.85 -2.37
CA ARG B 146 -2.43 19.25 -3.56
C ARG B 146 -3.42 18.58 -4.51
N THR B 147 -4.48 17.97 -3.98
CA THR B 147 -5.45 17.32 -4.87
C THR B 147 -5.96 18.31 -5.89
N LEU B 148 -6.16 19.56 -5.47
CA LEU B 148 -6.49 20.62 -6.42
C LEU B 148 -5.31 20.89 -7.35
N LEU B 149 -4.08 20.85 -6.83
CA LEU B 149 -2.91 20.98 -7.69
C LEU B 149 -2.72 19.71 -8.52
N ASP B 150 -3.16 18.57 -7.98
CA ASP B 150 -3.14 17.29 -8.69
C ASP B 150 -4.23 17.20 -9.74
N LEU B 151 -5.24 18.06 -9.67
CA LEU B 151 -6.39 18.03 -10.56
C LEU B 151 -6.04 18.36 -12.00
N CYS B 152 -4.76 18.57 -12.29
CA CYS B 152 -4.28 18.69 -13.66
C CYS B 152 -4.34 17.36 -14.40
N GLN B 153 -4.23 16.23 -13.67
CA GLN B 153 -4.21 14.94 -14.33
C GLN B 153 -5.57 14.52 -14.87
N GLN B 154 -6.66 15.07 -14.34
CA GLN B 154 -7.97 14.65 -14.76
C GLN B 154 -8.24 15.00 -16.25
N PRO B 155 -8.77 14.19 -17.02
CA PRO B 155 -8.99 14.45 -18.46
C PRO B 155 -10.00 15.57 -18.74
N ASP B 156 -10.61 16.16 -17.70
CA ASP B 156 -11.61 17.20 -17.84
C ASP B 156 -11.12 18.54 -17.34
N ALA B 157 -9.82 18.83 -17.49
CA ALA B 157 -9.25 20.09 -17.03
C ALA B 157 -9.03 21.03 -18.19
N MET B 158 -9.70 22.18 -18.15
CA MET B 158 -9.51 23.27 -19.11
C MET B 158 -8.45 24.24 -18.60
N THR B 159 -7.85 24.96 -19.55
CA THR B 159 -6.91 26.01 -19.22
C THR B 159 -7.64 27.30 -18.82
N HIS B 160 -7.12 27.98 -17.80
CA HIS B 160 -7.63 29.29 -17.44
C HIS B 160 -6.53 30.33 -17.64
N PRO B 161 -6.88 31.56 -18.04
CA PRO B 161 -5.84 32.58 -18.23
C PRO B 161 -4.91 32.77 -17.04
N ASP B 162 -5.42 32.64 -15.81
CA ASP B 162 -4.60 32.79 -14.62
C ASP B 162 -4.29 31.46 -13.92
N GLY B 163 -4.72 30.34 -14.49
CA GLY B 163 -4.44 29.05 -13.87
C GLY B 163 -5.10 27.90 -14.61
N MET B 164 -5.87 27.07 -13.91
CA MET B 164 -6.53 25.93 -14.53
C MET B 164 -8.01 25.91 -14.15
N GLN B 165 -8.83 25.42 -15.08
CA GLN B 165 -10.26 25.28 -14.88
C GLN B 165 -10.64 23.81 -14.96
N ILE B 166 -11.41 23.33 -13.99
CA ILE B 166 -11.90 21.96 -14.02
C ILE B 166 -13.34 21.91 -13.53
N LYS B 167 -14.09 20.95 -14.05
CA LYS B 167 -15.49 20.70 -13.68
C LYS B 167 -15.48 19.48 -12.77
N ILE B 168 -15.62 19.71 -11.47
CA ILE B 168 -15.52 18.64 -10.48
C ILE B 168 -16.41 18.99 -9.30
N THR B 169 -17.01 17.95 -8.71
CA THR B 169 -17.92 18.11 -7.58
C THR B 169 -17.22 17.79 -6.27
N ARG B 170 -17.88 18.13 -5.17
CA ARG B 170 -17.32 17.87 -3.85
C ARG B 170 -17.31 16.38 -3.54
N GLN B 171 -18.29 15.63 -4.04
CA GLN B 171 -18.31 14.19 -3.80
C GLN B 171 -17.28 13.46 -4.64
N GLU B 172 -16.78 14.08 -5.72
CA GLU B 172 -15.66 13.51 -6.45
C GLU B 172 -14.35 13.77 -5.71
N ILE B 173 -14.19 14.96 -5.13
CA ILE B 173 -13.02 15.25 -4.31
C ILE B 173 -13.07 14.45 -3.02
N GLY B 174 -14.28 14.19 -2.51
CA GLY B 174 -14.40 13.42 -1.29
C GLY B 174 -13.90 12.00 -1.43
N ARG B 175 -13.94 11.45 -2.65
CA ARG B 175 -13.41 10.12 -2.89
C ARG B 175 -11.92 10.12 -3.21
N ILE B 176 -11.30 11.29 -3.35
CA ILE B 176 -9.85 11.36 -3.54
C ILE B 176 -9.14 11.56 -2.21
N VAL B 177 -9.68 12.42 -1.34
CA VAL B 177 -9.01 12.74 -0.08
C VAL B 177 -9.54 11.92 1.08
N GLY B 178 -10.68 11.25 0.93
CA GLY B 178 -11.17 10.40 1.98
C GLY B 178 -11.91 11.12 3.09
N CYS B 179 -12.79 12.05 2.73
CA CYS B 179 -13.56 12.80 3.72
C CYS B 179 -14.92 13.14 3.13
N SER B 180 -15.78 13.76 3.93
CA SER B 180 -17.16 13.99 3.54
C SER B 180 -17.31 15.17 2.58
N ARG B 181 -18.44 15.16 1.86
CA ARG B 181 -18.77 16.24 0.94
C ARG B 181 -18.93 17.57 1.65
N GLU B 182 -19.43 17.54 2.89
CA GLU B 182 -19.59 18.79 3.64
C GLU B 182 -18.24 19.36 4.05
N MET B 183 -17.31 18.49 4.45
CA MET B 183 -16.00 18.97 4.88
C MET B 183 -15.15 19.44 3.71
N VAL B 184 -15.26 18.77 2.56
CA VAL B 184 -14.59 19.30 1.38
C VAL B 184 -15.17 20.64 0.98
N GLY B 185 -16.46 20.87 1.24
CA GLY B 185 -17.09 22.12 0.85
C GLY B 185 -16.63 23.32 1.67
N ARG B 186 -16.55 23.17 2.99
CA ARG B 186 -16.06 24.26 3.82
C ARG B 186 -14.57 24.50 3.58
N VAL B 187 -13.77 23.44 3.45
CA VAL B 187 -12.34 23.62 3.20
C VAL B 187 -12.11 24.48 1.95
N LEU B 188 -12.93 24.25 0.93
CA LEU B 188 -12.88 25.11 -0.27
C LEU B 188 -13.32 26.54 0.03
N LYS B 189 -14.25 26.73 0.97
CA LYS B 189 -14.59 28.09 1.39
C LYS B 189 -13.36 28.80 1.93
N SER B 190 -12.63 28.14 2.84
CA SER B 190 -11.43 28.75 3.40
C SER B 190 -10.38 28.97 2.32
N LEU B 191 -10.29 28.05 1.35
CA LEU B 191 -9.28 28.19 0.30
C LEU B 191 -9.64 29.28 -0.71
N GLU B 192 -10.93 29.56 -0.90
CA GLU B 192 -11.31 30.57 -1.88
C GLU B 192 -10.92 31.97 -1.41
N GLU B 193 -11.02 32.22 -0.11
CA GLU B 193 -10.63 33.51 0.44
C GLU B 193 -9.14 33.57 0.79
N GLN B 194 -8.45 32.43 0.81
CA GLN B 194 -7.00 32.42 0.97
C GLN B 194 -6.27 32.63 -0.36
N GLY B 195 -6.89 32.26 -1.49
CA GLY B 195 -6.25 32.50 -2.77
C GLY B 195 -5.73 31.37 -3.64
N LEU B 196 -6.37 30.21 -3.65
CA LEU B 196 -6.14 29.24 -4.72
C LEU B 196 -7.25 29.26 -5.76
N VAL B 197 -8.50 29.36 -5.29
CA VAL B 197 -9.64 28.91 -6.07
C VAL B 197 -10.75 29.96 -6.09
N HIS B 198 -11.59 29.83 -7.11
CA HIS B 198 -12.84 30.56 -7.26
C HIS B 198 -13.84 29.50 -7.70
N VAL B 199 -14.95 29.39 -6.98
CA VAL B 199 -15.96 28.38 -7.28
C VAL B 199 -17.09 29.04 -8.05
N LYS B 200 -17.45 28.45 -9.18
CA LYS B 200 -18.59 28.89 -9.98
C LYS B 200 -19.42 27.67 -10.38
N GLY B 201 -20.51 27.45 -9.67
CA GLY B 201 -21.37 26.31 -9.94
C GLY B 201 -20.66 24.99 -9.74
N LYS B 202 -20.57 24.23 -10.83
CA LYS B 202 -19.93 22.91 -10.84
C LYS B 202 -18.48 22.96 -11.30
N THR B 203 -17.91 24.16 -11.46
CA THR B 203 -16.59 24.34 -12.03
C THR B 203 -15.80 25.31 -11.16
N MET B 204 -14.58 24.92 -10.80
CA MET B 204 -13.70 25.75 -9.99
C MET B 204 -12.42 26.05 -10.76
N VAL B 205 -11.90 27.27 -10.58
CA VAL B 205 -10.66 27.72 -11.19
C VAL B 205 -9.61 27.83 -10.11
N VAL B 206 -8.49 27.15 -10.30
CA VAL B 206 -7.38 27.19 -9.34
C VAL B 206 -6.29 28.09 -9.90
N PHE B 207 -5.91 29.09 -9.13
CA PHE B 207 -4.94 30.07 -9.57
C PHE B 207 -3.52 29.58 -9.34
N GLY B 208 -2.58 30.18 -10.06
CA GLY B 208 -1.16 29.86 -9.92
C GLY B 208 -0.78 28.50 -10.46
P CMP C . 13.09 -3.26 -3.87
O1P CMP C . 14.11 -4.02 -4.67
O2P CMP C . 12.20 -2.26 -4.60
O5' CMP C . 13.88 -2.39 -2.76
C5' CMP C . 13.27 -2.01 -1.54
C4' CMP C . 12.45 -3.15 -1.02
O4' CMP C . 11.61 -2.80 0.11
C3' CMP C . 11.46 -3.69 -2.01
O3' CMP C . 12.13 -4.30 -3.09
C2' CMP C . 10.59 -4.56 -1.13
O2' CMP C . 11.25 -5.76 -0.80
C1' CMP C . 10.49 -3.68 0.12
N9 CMP C . 9.25 -2.88 0.15
C8 CMP C . 9.03 -1.74 -0.53
N7 CMP C . 7.78 -1.26 -0.29
C5 CMP C . 7.18 -2.11 0.57
C6 CMP C . 5.86 -2.19 1.23
N6 CMP C . 4.91 -1.25 1.03
N1 CMP C . 5.64 -3.23 2.06
C2 CMP C . 6.58 -4.19 2.28
N3 CMP C . 7.79 -4.17 1.71
C4 CMP C . 8.15 -3.17 0.85
AU1 AUF D . -3.24 -8.42 19.62
P1 AUF D . -4.77 -6.82 20.67
C5 AUF D . -5.95 -5.64 21.52
C6 AUF D . -6.20 -6.06 22.96
C3 AUF D . -3.47 -6.41 21.93
C4 AUF D . -2.71 -5.17 21.45
C1 AUF D . -6.00 -8.19 20.93
C2 AUF D . -5.93 -9.15 19.72
AU AU E . 20.87 -20.99 3.30
AU AU F . 0.55 15.76 13.61
CL CL G . -3.64 -11.63 20.59
S SO4 H . 23.63 4.26 7.60
O1 SO4 H . 24.01 3.35 6.53
O2 SO4 H . 22.89 3.53 8.63
O3 SO4 H . 22.78 5.32 7.06
O4 SO4 H . 24.82 4.86 8.19
S SO4 I . 11.57 7.44 22.90
O1 SO4 I . 13.02 7.32 23.05
O2 SO4 I . 10.94 6.18 23.28
O3 SO4 I . 11.07 8.52 23.74
O4 SO4 I . 11.27 7.74 21.50
CL CL J . -0.40 16.57 11.52
P CMP K . -8.68 -8.96 -5.02
O1P CMP K . -8.99 -10.38 -5.46
O2P CMP K . -8.32 -8.72 -3.57
O5' CMP K . -9.97 -8.06 -5.30
C5' CMP K . -9.88 -6.66 -5.50
C4' CMP K . -8.70 -6.36 -6.38
O4' CMP K . -8.37 -4.96 -6.47
C3' CMP K . -7.42 -6.98 -5.88
O3' CMP K . -7.48 -8.38 -5.93
C2' CMP K . -6.39 -6.26 -6.74
O2' CMP K . -6.39 -6.79 -8.06
C1' CMP K . -6.98 -4.85 -6.77
N9 CMP K . -6.35 -3.96 -5.78
C8 CMP K . -6.52 -3.99 -4.45
N7 CMP K . -5.79 -3.04 -3.83
C5 CMP K . -5.12 -2.37 -4.78
C6 CMP K . -4.16 -1.24 -4.82
N6 CMP K . -3.77 -0.62 -3.68
N1 CMP K . -3.70 -0.84 -6.02
C2 CMP K . -4.09 -1.45 -7.17
N3 CMP K . -4.95 -2.48 -7.20
C4 CMP K . -5.49 -2.97 -6.07
AU1 AUF L . 0.08 21.19 -17.13
P1 AUF L . 0.90 21.13 -14.81
C5 AUF L . 1.43 21.13 -13.02
C6 AUF L . 1.99 19.80 -12.53
C3 AUF L . 1.40 19.33 -15.01
C4 AUF L . 0.70 18.58 -16.14
C1 AUF L . -0.80 21.73 -14.30
C2 AUF L . -0.74 23.08 -13.59
AU AU M . -16.79 -13.46 -9.45
AU AU N . -13.46 13.05 7.20
AU AU O . -18.47 -17.32 -20.11
S SO4 P . -21.69 18.16 -5.04
O1 SO4 P . -20.45 17.51 -4.63
O2 SO4 P . -22.33 17.36 -6.07
O3 SO4 P . -21.39 19.50 -5.57
O4 SO4 P . -22.58 18.28 -3.90
S SO4 Q . -21.87 14.36 3.10
O1 SO4 Q . -20.94 13.43 2.44
O2 SO4 Q . -22.06 13.95 4.49
O3 SO4 Q . -21.30 15.70 3.07
O4 SO4 Q . -23.15 14.35 2.41
#